data_9PH2
#
_entry.id   9PH2
#
_cell.length_a   191.785
_cell.length_b   37.298
_cell.length_c   57.111
_cell.angle_alpha   90.000
_cell.angle_beta   104.593
_cell.angle_gamma   90.000
#
_symmetry.space_group_name_H-M   'C 1 2 1'
#
loop_
_entity.id
_entity.type
_entity.pdbx_description
1 polymer 'Thiol:disulfide interchange protein'
2 non-polymer DI(HYDROXYETHYL)ETHER
3 water water
#
_entity_poly.entity_id   1
_entity_poly.type   'polypeptide(L)'
_entity_poly.pdbx_seq_one_letter_code
;QQYVNINPPMPSDTPGKIEVLEFFAYTCPHCAAIEPMVEDWAKTAPQDVVLKQVPIAFNAGMKPLQQLYYTLQALERPDL
HPKVFTAIHTERKRLFDKKAMGEWAASQGVDRAKFDSVFDSFSVQTQVQHASQLAEAAHIDGTPAFAVGGRYMTSPVLAG
NDYAGALKVVDQLIVQSRK
;
_entity_poly.pdbx_strand_id   A,B
#
# COMPACT_ATOMS: atom_id res chain seq x y z
N GLN A 1 37.25 8.54 11.52
CA GLN A 1 37.89 8.88 10.25
C GLN A 1 36.86 9.18 9.15
N GLN A 2 36.11 8.15 8.74
CA GLN A 2 35.17 8.28 7.62
C GLN A 2 33.74 8.51 8.09
N TYR A 3 33.56 8.92 9.33
CA TYR A 3 32.24 9.27 9.86
C TYR A 3 32.45 10.24 11.01
N VAL A 4 31.36 10.83 11.46
CA VAL A 4 31.40 11.70 12.64
C VAL A 4 30.33 11.22 13.61
N ASN A 5 30.56 11.49 14.89
CA ASN A 5 29.58 11.17 15.91
C ASN A 5 28.50 12.25 15.98
N ILE A 6 27.26 11.82 16.23
CA ILE A 6 26.15 12.72 16.47
C ILE A 6 25.97 12.82 17.98
N ASN A 7 26.18 14.02 18.52
CA ASN A 7 26.13 14.27 19.96
C ASN A 7 25.22 15.47 20.21
N PRO A 8 24.16 15.34 21.00
CA PRO A 8 23.69 14.14 21.70
C PRO A 8 23.07 13.17 20.70
N PRO A 9 23.05 11.88 21.00
CA PRO A 9 22.47 10.93 20.05
C PRO A 9 20.97 11.15 19.87
N MET A 10 20.51 10.82 18.68
CA MET A 10 19.09 10.99 18.40
C MET A 10 18.30 9.80 18.90
N PRO A 11 17.16 10.02 19.55
CA PRO A 11 16.36 8.89 20.04
C PRO A 11 15.81 8.08 18.88
N SER A 12 15.64 6.79 19.13
CA SER A 12 15.17 5.88 18.10
CA SER A 12 15.17 5.87 18.11
C SER A 12 13.67 6.02 17.89
N ASP A 13 13.27 6.06 16.62
CA ASP A 13 11.86 6.14 16.24
C ASP A 13 11.30 4.80 15.80
N THR A 14 12.13 3.77 15.71
CA THR A 14 11.71 2.43 15.31
C THR A 14 12.21 1.43 16.34
N PRO A 15 11.38 1.02 17.29
CA PRO A 15 11.82 0.04 18.29
C PRO A 15 12.33 -1.22 17.65
N GLY A 16 13.43 -1.75 18.19
CA GLY A 16 14.02 -2.98 17.72
C GLY A 16 14.74 -2.89 16.40
N LYS A 17 14.86 -1.72 15.81
CA LYS A 17 15.50 -1.57 14.52
C LYS A 17 16.56 -0.49 14.58
N ILE A 18 17.56 -0.64 13.73
CA ILE A 18 18.58 0.38 13.52
C ILE A 18 18.14 1.22 12.33
N GLU A 19 17.96 2.52 12.55
CA GLU A 19 17.52 3.42 11.49
C GLU A 19 18.71 3.96 10.71
N VAL A 20 18.60 3.92 9.38
CA VAL A 20 19.53 4.62 8.50
C VAL A 20 18.72 5.72 7.82
N LEU A 21 19.10 6.98 8.06
CA LEU A 21 18.44 8.10 7.41
C LEU A 21 19.32 8.55 6.27
N GLU A 22 18.80 8.53 5.04
CA GLU A 22 19.47 9.21 3.93
C GLU A 22 18.84 10.58 3.79
N PHE A 23 19.61 11.61 4.13
CA PHE A 23 19.20 12.98 3.87
C PHE A 23 19.51 13.32 2.41
N PHE A 24 18.50 13.82 1.70
CA PHE A 24 18.63 14.05 0.27
C PHE A 24 17.85 15.30 -0.11
N ALA A 25 18.07 15.74 -1.35
CA ALA A 25 17.18 16.71 -2.00
C ALA A 25 17.01 16.30 -3.45
N TYR A 26 15.81 16.50 -3.96
CA TYR A 26 15.54 16.16 -5.35
C TYR A 26 16.41 16.98 -6.31
N THR A 27 16.81 18.19 -5.92
CA THR A 27 17.61 19.05 -6.78
C THR A 27 19.11 18.73 -6.73
N CYS A 28 19.52 17.78 -5.90
CA CYS A 28 20.92 17.48 -5.71
C CYS A 28 21.39 16.45 -6.74
N PRO A 29 22.32 16.81 -7.63
CA PRO A 29 22.74 15.85 -8.67
C PRO A 29 23.33 14.57 -8.10
N HIS A 30 24.06 14.66 -7.00
CA HIS A 30 24.64 13.45 -6.42
C HIS A 30 23.59 12.60 -5.74
N CYS A 31 22.55 13.21 -5.16
CA CYS A 31 21.43 12.41 -4.65
C CYS A 31 20.76 11.64 -5.79
N ALA A 32 20.62 12.27 -6.96
CA ALA A 32 20.07 11.55 -8.11
C ALA A 32 20.99 10.42 -8.53
N ALA A 33 22.29 10.67 -8.55
CA ALA A 33 23.23 9.64 -9.00
C ALA A 33 23.23 8.45 -8.06
N ILE A 34 23.18 8.69 -6.75
CA ILE A 34 23.28 7.59 -5.79
C ILE A 34 21.96 6.88 -5.58
N GLU A 35 20.84 7.46 -6.01
CA GLU A 35 19.53 6.88 -5.70
C GLU A 35 19.38 5.42 -6.12
N PRO A 36 19.75 5.00 -7.33
CA PRO A 36 19.62 3.57 -7.65
C PRO A 36 20.55 2.70 -6.81
N MET A 37 21.71 3.21 -6.42
N MET A 37 21.72 3.20 -6.43
CA MET A 37 22.59 2.40 -5.57
CA MET A 37 22.61 2.42 -5.56
C MET A 37 22.03 2.25 -4.17
C MET A 37 21.99 2.23 -4.18
N VAL A 38 21.35 3.28 -3.65
CA VAL A 38 20.69 3.18 -2.35
C VAL A 38 19.52 2.22 -2.44
N GLU A 39 18.75 2.29 -3.52
CA GLU A 39 17.62 1.37 -3.66
C GLU A 39 18.11 -0.07 -3.74
N ASP A 40 19.22 -0.30 -4.44
CA ASP A 40 19.78 -1.66 -4.51
C ASP A 40 20.32 -2.10 -3.16
N TRP A 41 21.02 -1.21 -2.45
CA TRP A 41 21.53 -1.54 -1.12
C TRP A 41 20.39 -1.92 -0.17
N ALA A 42 19.25 -1.22 -0.28
CA ALA A 42 18.14 -1.48 0.63
C ALA A 42 17.57 -2.87 0.42
N LYS A 43 17.70 -3.42 -0.79
CA LYS A 43 17.18 -4.76 -1.08
C LYS A 43 17.91 -5.86 -0.32
N THR A 44 19.17 -5.64 0.08
CA THR A 44 19.94 -6.66 0.80
C THR A 44 20.29 -6.26 2.22
N ALA A 45 19.78 -5.13 2.70
CA ALA A 45 20.13 -4.65 4.04
C ALA A 45 19.60 -5.60 5.12
N PRO A 46 20.23 -5.58 6.31
CA PRO A 46 19.79 -6.51 7.38
C PRO A 46 18.34 -6.29 7.75
N GLN A 47 17.68 -7.37 8.16
CA GLN A 47 16.25 -7.23 8.41
C GLN A 47 15.94 -6.42 9.67
N ASP A 48 16.92 -6.18 10.55
CA ASP A 48 16.72 -5.31 11.69
C ASP A 48 17.12 -3.86 11.41
N VAL A 49 17.29 -3.50 10.13
CA VAL A 49 17.64 -2.15 9.70
C VAL A 49 16.48 -1.60 8.88
N VAL A 50 16.16 -0.32 9.08
CA VAL A 50 15.14 0.35 8.28
C VAL A 50 15.75 1.58 7.64
N LEU A 51 15.55 1.73 6.33
CA LEU A 51 16.00 2.92 5.63
C LEU A 51 14.86 3.92 5.57
N LYS A 52 15.17 5.19 5.85
N LYS A 52 15.15 5.16 5.93
CA LYS A 52 14.22 6.29 5.73
CA LYS A 52 14.24 6.27 5.70
C LYS A 52 14.88 7.41 4.94
C LYS A 52 14.97 7.28 4.82
N GLN A 53 14.30 7.76 3.79
CA GLN A 53 14.82 8.85 2.98
C GLN A 53 14.15 10.13 3.43
N VAL A 54 14.96 11.13 3.80
CA VAL A 54 14.49 12.33 4.48
C VAL A 54 14.84 13.54 3.63
N PRO A 55 13.88 14.23 3.01
CA PRO A 55 14.22 15.40 2.18
C PRO A 55 14.52 16.60 3.06
N ILE A 56 15.52 17.39 2.66
CA ILE A 56 15.94 18.50 3.50
C ILE A 56 15.75 19.81 2.75
N ALA A 57 15.89 20.90 3.49
CA ALA A 57 15.79 22.25 2.92
C ALA A 57 16.88 23.11 3.51
N PHE A 58 17.86 23.48 2.70
CA PHE A 58 18.90 24.41 3.14
C PHE A 58 18.54 25.86 2.86
N ASN A 59 17.52 26.08 2.05
CA ASN A 59 16.91 27.39 1.88
C ASN A 59 15.41 27.17 1.67
N ALA A 60 14.65 28.25 1.88
CA ALA A 60 13.18 28.11 1.91
C ALA A 60 12.63 27.62 0.59
N GLY A 61 13.31 27.90 -0.53
CA GLY A 61 12.84 27.44 -1.82
C GLY A 61 12.89 25.94 -1.98
N MET A 62 13.60 25.24 -1.10
CA MET A 62 13.63 23.78 -1.14
C MET A 62 12.46 23.14 -0.43
N LYS A 63 11.69 23.90 0.34
N LYS A 63 11.66 23.90 0.31
CA LYS A 63 10.58 23.32 1.10
CA LYS A 63 10.58 23.30 1.09
C LYS A 63 9.52 22.66 0.22
C LYS A 63 9.49 22.66 0.23
N PRO A 64 9.11 23.24 -0.92
CA PRO A 64 8.15 22.52 -1.78
C PRO A 64 8.63 21.15 -2.24
N LEU A 65 9.94 20.95 -2.37
CA LEU A 65 10.45 19.65 -2.75
C LEU A 65 10.41 18.65 -1.60
N GLN A 66 10.48 19.13 -0.35
CA GLN A 66 10.16 18.28 0.79
C GLN A 66 8.70 17.86 0.75
N GLN A 67 7.81 18.83 0.50
CA GLN A 67 6.38 18.52 0.40
C GLN A 67 6.13 17.52 -0.71
N LEU A 68 6.83 17.67 -1.84
CA LEU A 68 6.64 16.73 -2.94
C LEU A 68 6.93 15.30 -2.51
N TYR A 69 8.04 15.09 -1.79
CA TYR A 69 8.39 13.74 -1.36
C TYR A 69 7.27 13.12 -0.53
N TYR A 70 6.81 13.84 0.50
CA TYR A 70 5.81 13.27 1.39
C TYR A 70 4.44 13.19 0.73
N THR A 71 4.17 14.04 -0.26
CA THR A 71 2.91 13.94 -1.00
C THR A 71 2.88 12.67 -1.83
N LEU A 72 3.97 12.36 -2.53
CA LEU A 72 4.01 11.14 -3.32
C LEU A 72 3.90 9.90 -2.44
N GLN A 73 4.53 9.93 -1.25
CA GLN A 73 4.41 8.79 -0.34
C GLN A 73 2.99 8.65 0.18
N ALA A 74 2.33 9.77 0.50
CA ALA A 74 0.99 9.71 1.06
C ALA A 74 -0.03 9.26 0.01
N LEU A 75 0.21 9.59 -1.26
CA LEU A 75 -0.64 9.12 -2.35
C LEU A 75 -0.33 7.70 -2.76
N GLU A 76 0.55 7.01 -2.02
CA GLU A 76 0.94 5.63 -2.33
C GLU A 76 1.44 5.52 -3.77
N ARG A 77 2.26 6.50 -4.18
CA ARG A 77 2.96 6.45 -5.46
C ARG A 77 4.47 6.48 -5.26
N PRO A 78 5.03 5.52 -4.51
CA PRO A 78 6.49 5.50 -4.34
C PRO A 78 7.22 5.21 -5.62
N ASP A 79 6.54 4.67 -6.63
CA ASP A 79 7.13 4.51 -7.95
C ASP A 79 7.54 5.84 -8.56
N LEU A 80 6.87 6.93 -8.17
CA LEU A 80 7.17 8.24 -8.73
C LEU A 80 8.39 8.90 -8.08
N HIS A 81 8.82 8.41 -6.91
CA HIS A 81 9.94 9.00 -6.21
C HIS A 81 11.22 8.98 -7.04
N PRO A 82 11.73 7.82 -7.49
CA PRO A 82 12.92 7.88 -8.36
C PRO A 82 12.69 8.63 -9.65
N LYS A 83 11.44 8.68 -10.14
CA LYS A 83 11.20 9.41 -11.38
C LYS A 83 11.31 10.91 -11.22
N VAL A 84 11.17 11.44 -9.99
CA VAL A 84 11.38 12.88 -9.80
C VAL A 84 12.82 13.25 -10.10
N PHE A 85 13.77 12.45 -9.60
CA PHE A 85 15.19 12.68 -9.90
C PHE A 85 15.43 12.67 -11.40
N THR A 86 14.92 11.64 -12.09
CA THR A 86 15.10 11.53 -13.54
C THR A 86 14.48 12.71 -14.27
N ALA A 87 13.30 13.14 -13.84
CA ALA A 87 12.64 14.26 -14.50
C ALA A 87 13.44 15.54 -14.35
N ILE A 88 14.01 15.78 -13.17
CA ILE A 88 14.73 17.02 -12.94
C ILE A 88 16.09 17.01 -13.61
N HIS A 89 16.83 15.90 -13.48
CA HIS A 89 18.24 15.92 -13.86
C HIS A 89 18.50 15.40 -15.25
N THR A 90 17.72 14.43 -15.73
CA THR A 90 17.92 13.90 -17.07
C THR A 90 17.01 14.61 -18.07
N GLU A 91 15.73 14.74 -17.77
CA GLU A 91 14.77 15.37 -18.66
C GLU A 91 14.70 16.88 -18.48
N ARG A 92 15.43 17.45 -17.52
CA ARG A 92 15.56 18.89 -17.34
C ARG A 92 14.22 19.59 -17.10
N LYS A 93 13.25 18.88 -16.53
CA LYS A 93 11.98 19.50 -16.18
C LYS A 93 12.13 20.36 -14.93
N ARG A 94 11.44 21.49 -14.89
CA ARG A 94 11.57 22.45 -13.80
C ARG A 94 10.47 22.19 -12.78
N LEU A 95 10.66 21.16 -11.97
CA LEU A 95 9.65 20.73 -11.00
C LEU A 95 9.91 21.36 -9.64
N PHE A 96 9.87 22.69 -9.60
CA PHE A 96 10.36 23.42 -8.44
C PHE A 96 9.27 24.16 -7.67
N ASP A 97 8.03 24.15 -8.15
CA ASP A 97 6.93 24.75 -7.41
C ASP A 97 5.69 23.86 -7.53
N LYS A 98 4.73 24.11 -6.64
CA LYS A 98 3.56 23.25 -6.53
C LYS A 98 2.83 23.11 -7.86
N LYS A 99 2.74 24.19 -8.64
CA LYS A 99 2.00 24.15 -9.89
C LYS A 99 2.66 23.19 -10.89
N ALA A 100 3.97 23.33 -11.10
CA ALA A 100 4.68 22.43 -12.00
C ALA A 100 4.65 21.00 -11.47
N MET A 101 4.75 20.83 -10.16
CA MET A 101 4.74 19.49 -9.58
C MET A 101 3.40 18.81 -9.80
N GLY A 102 2.30 19.55 -9.63
CA GLY A 102 0.98 18.96 -9.80
C GLY A 102 0.68 18.62 -11.25
N GLU A 103 1.15 19.46 -12.17
CA GLU A 103 1.00 19.15 -13.59
C GLU A 103 1.80 17.90 -13.96
N TRP A 104 3.02 17.77 -13.43
CA TRP A 104 3.82 16.59 -13.69
C TRP A 104 3.16 15.34 -13.11
N ALA A 105 2.69 15.43 -11.86
CA ALA A 105 2.05 14.27 -11.24
C ALA A 105 0.79 13.87 -11.99
N ALA A 106 0.02 14.85 -12.46
CA ALA A 106 -1.19 14.55 -13.24
C ALA A 106 -0.84 13.82 -14.53
N SER A 107 0.29 14.18 -15.15
CA SER A 107 0.73 13.45 -16.34
C SER A 107 1.15 12.02 -15.99
N GLN A 108 1.42 11.74 -14.71
CA GLN A 108 1.77 10.40 -14.24
C GLN A 108 0.58 9.66 -13.65
N GLY A 109 -0.64 10.15 -13.88
CA GLY A 109 -1.83 9.45 -13.42
C GLY A 109 -2.33 9.82 -12.05
N VAL A 110 -1.80 10.87 -11.44
CA VAL A 110 -2.24 11.32 -10.12
C VAL A 110 -3.37 12.32 -10.31
N ASP A 111 -4.46 12.14 -9.57
CA ASP A 111 -5.53 13.12 -9.65
C ASP A 111 -5.05 14.46 -9.09
N ARG A 112 -5.21 15.51 -9.90
CA ARG A 112 -4.67 16.82 -9.55
C ARG A 112 -5.27 17.34 -8.25
N ALA A 113 -6.58 17.18 -8.06
CA ALA A 113 -7.21 17.68 -6.86
C ALA A 113 -6.68 16.99 -5.61
N LYS A 114 -6.46 15.67 -5.70
CA LYS A 114 -5.91 14.96 -4.55
C LYS A 114 -4.46 15.36 -4.30
N PHE A 115 -3.67 15.51 -5.36
CA PHE A 115 -2.31 15.98 -5.20
C PHE A 115 -2.29 17.31 -4.47
N ASP A 116 -3.06 18.28 -4.95
CA ASP A 116 -3.07 19.61 -4.34
C ASP A 116 -3.55 19.56 -2.90
N SER A 117 -4.57 18.74 -2.61
CA SER A 117 -5.07 18.63 -1.25
C SER A 117 -4.01 18.03 -0.32
N VAL A 118 -3.41 16.91 -0.73
CA VAL A 118 -2.42 16.24 0.11
C VAL A 118 -1.20 17.12 0.31
N PHE A 119 -0.77 17.82 -0.75
CA PHE A 119 0.40 18.70 -0.69
C PHE A 119 0.24 19.77 0.39
N ASP A 120 -0.98 20.28 0.57
CA ASP A 120 -1.25 21.32 1.55
C ASP A 120 -1.67 20.78 2.92
N SER A 121 -1.72 19.47 3.09
CA SER A 121 -2.34 18.89 4.28
C SER A 121 -1.49 19.11 5.53
N PHE A 122 -2.16 19.09 6.69
CA PHE A 122 -1.47 19.16 7.96
C PHE A 122 -0.50 17.99 8.13
N SER A 123 -0.88 16.82 7.63
CA SER A 123 -0.05 15.63 7.77
C SER A 123 1.28 15.82 7.04
N VAL A 124 1.23 16.32 5.80
CA VAL A 124 2.46 16.58 5.06
C VAL A 124 3.26 17.69 5.73
N GLN A 125 2.58 18.74 6.20
CA GLN A 125 3.31 19.82 6.87
C GLN A 125 4.05 19.30 8.09
N THR A 126 3.43 18.40 8.85
CA THR A 126 4.09 17.83 10.02
C THR A 126 5.27 16.97 9.62
N GLN A 127 5.14 16.18 8.56
CA GLN A 127 6.26 15.34 8.13
C GLN A 127 7.43 16.19 7.66
N VAL A 128 7.14 17.31 7.00
CA VAL A 128 8.21 18.20 6.51
C VAL A 128 8.93 18.84 7.69
N GLN A 129 8.16 19.33 8.67
CA GLN A 129 8.75 19.85 9.90
C GLN A 129 9.63 18.81 10.58
N HIS A 130 9.15 17.56 10.66
CA HIS A 130 9.95 16.52 11.31
C HIS A 130 11.20 16.23 10.52
N ALA A 131 11.12 16.27 9.18
CA ALA A 131 12.29 16.02 8.37
C ALA A 131 13.36 17.06 8.66
N SER A 132 12.97 18.33 8.77
CA SER A 132 13.93 19.37 9.07
C SER A 132 14.43 19.27 10.51
N GLN A 133 13.58 18.82 11.44
CA GLN A 133 14.05 18.58 12.81
C GLN A 133 15.11 17.48 12.87
N LEU A 134 14.90 16.40 12.11
CA LEU A 134 15.88 15.32 12.08
C LEU A 134 17.20 15.80 11.50
N ALA A 135 17.13 16.59 10.43
CA ALA A 135 18.36 17.09 9.82
C ALA A 135 19.12 17.99 10.78
N GLU A 136 18.40 18.83 11.51
CA GLU A 136 19.03 19.68 12.52
C GLU A 136 19.70 18.85 13.60
N ALA A 137 18.99 17.84 14.10
CA ALA A 137 19.53 17.03 15.19
C ALA A 137 20.73 16.19 14.73
N ALA A 138 20.75 15.80 13.46
CA ALA A 138 21.87 15.05 12.91
C ALA A 138 23.03 15.95 12.48
N HIS A 139 22.87 17.27 12.63
CA HIS A 139 23.90 18.24 12.25
C HIS A 139 24.29 18.12 10.78
N ILE A 140 23.26 18.09 9.93
CA ILE A 140 23.45 17.96 8.49
C ILE A 140 24.30 19.11 7.96
N ASP A 141 25.23 18.80 7.05
CA ASP A 141 26.00 19.86 6.39
C ASP A 141 26.10 19.66 4.88
N GLY A 142 25.34 18.74 4.32
CA GLY A 142 25.29 18.55 2.88
C GLY A 142 24.44 17.34 2.56
N THR A 143 24.20 17.14 1.27
CA THR A 143 23.50 15.96 0.77
C THR A 143 24.30 15.33 -0.36
N PRO A 144 24.19 14.00 -0.55
CA PRO A 144 23.51 13.02 0.30
C PRO A 144 24.31 12.74 1.54
N ALA A 145 23.64 12.45 2.64
CA ALA A 145 24.30 12.10 3.88
C ALA A 145 23.50 10.99 4.54
N PHE A 146 24.19 10.17 5.35
CA PHE A 146 23.57 9.03 6.00
C PHE A 146 23.79 9.09 7.50
N ALA A 147 22.71 9.14 8.27
CA ALA A 147 22.79 8.99 9.73
C ALA A 147 22.44 7.56 10.08
N VAL A 148 23.23 6.93 10.96
CA VAL A 148 23.05 5.53 11.31
C VAL A 148 22.85 5.42 12.82
N GLY A 149 21.76 4.75 13.21
CA GLY A 149 21.50 4.49 14.62
C GLY A 149 21.31 5.72 15.47
N GLY A 150 21.06 6.87 14.85
CA GLY A 150 20.98 8.13 15.57
C GLY A 150 22.28 8.58 16.18
N ARG A 151 23.40 7.94 15.86
CA ARG A 151 24.66 8.16 16.55
C ARG A 151 25.84 8.49 15.64
N TYR A 152 25.76 8.17 14.35
CA TYR A 152 26.89 8.31 13.44
C TYR A 152 26.41 8.91 12.13
N MET A 153 27.27 9.71 11.50
CA MET A 153 26.93 10.32 10.23
C MET A 153 28.07 10.11 9.24
N THR A 154 27.74 9.65 8.03
CA THR A 154 28.72 9.51 6.97
C THR A 154 28.15 10.06 5.68
N SER A 155 28.98 10.10 4.64
CA SER A 155 28.60 10.65 3.34
C SER A 155 29.61 10.14 2.31
N PRO A 156 29.29 10.24 1.03
CA PRO A 156 30.29 9.90 0.01
C PRO A 156 31.58 10.69 0.18
N VAL A 157 31.51 11.97 0.54
CA VAL A 157 32.73 12.76 0.71
C VAL A 157 33.56 12.23 1.88
N LEU A 158 32.92 11.94 3.02
CA LEU A 158 33.67 11.44 4.15
C LEU A 158 34.25 10.05 3.88
N ALA A 159 33.59 9.26 3.04
CA ALA A 159 34.05 7.89 2.78
C ALA A 159 34.97 7.82 1.56
N GLY A 160 35.87 8.79 1.41
CA GLY A 160 36.82 8.77 0.32
C GLY A 160 36.27 9.19 -1.02
N ASN A 161 35.30 10.10 -1.04
CA ASN A 161 34.66 10.59 -2.27
C ASN A 161 34.14 9.43 -3.13
N ASP A 162 33.31 8.59 -2.53
CA ASP A 162 32.85 7.41 -3.26
C ASP A 162 31.48 6.97 -2.75
N TYR A 163 30.55 6.73 -3.68
CA TYR A 163 29.19 6.33 -3.30
C TYR A 163 29.18 4.97 -2.64
N ALA A 164 29.83 3.98 -3.27
CA ALA A 164 29.86 2.65 -2.68
C ALA A 164 30.62 2.66 -1.36
N GLY A 165 31.65 3.50 -1.24
CA GLY A 165 32.37 3.63 0.01
C GLY A 165 31.48 4.13 1.13
N ALA A 166 30.59 5.07 0.84
CA ALA A 166 29.66 5.55 1.86
C ALA A 166 28.77 4.42 2.37
N LEU A 167 28.25 3.58 1.47
CA LEU A 167 27.38 2.51 1.91
C LEU A 167 28.16 1.42 2.66
N LYS A 168 29.42 1.21 2.31
CA LYS A 168 30.27 0.32 3.10
C LYS A 168 30.45 0.84 4.52
N VAL A 169 30.63 2.16 4.66
CA VAL A 169 30.74 2.73 6.00
C VAL A 169 29.43 2.60 6.74
N VAL A 170 28.29 2.82 6.05
CA VAL A 170 26.99 2.59 6.67
C VAL A 170 26.91 1.18 7.22
N ASP A 171 27.36 0.20 6.43
CA ASP A 171 27.34 -1.19 6.90
C ASP A 171 28.18 -1.35 8.17
N GLN A 172 29.37 -0.74 8.19
CA GLN A 172 30.22 -0.77 9.39
C GLN A 172 29.52 -0.11 10.57
N LEU A 173 28.84 1.02 10.33
CA LEU A 173 28.17 1.71 11.42
C LEU A 173 26.96 0.95 11.93
N ILE A 174 26.29 0.18 11.07
CA ILE A 174 25.19 -0.67 11.53
C ILE A 174 25.69 -1.68 12.54
N VAL A 175 26.82 -2.32 12.23
CA VAL A 175 27.40 -3.28 13.17
C VAL A 175 27.76 -2.60 14.47
N GLN A 176 28.34 -1.40 14.40
N GLN A 176 28.36 -1.40 14.40
CA GLN A 176 28.70 -0.67 15.61
CA GLN A 176 28.70 -0.66 15.60
C GLN A 176 27.48 -0.23 16.40
C GLN A 176 27.47 -0.27 16.41
N SER A 177 26.35 0.03 15.73
CA SER A 177 25.14 0.47 16.42
C SER A 177 24.48 -0.66 17.20
N ARG A 178 24.72 -1.91 16.82
CA ARG A 178 24.31 -3.05 17.64
C ARG A 178 25.22 -3.28 18.84
N LYS A 179 26.29 -2.51 18.94
CA LYS A 179 27.36 -2.66 19.94
C LYS A 179 28.22 -3.87 19.64
N GLN B 1 -13.43 -30.54 -17.74
CA GLN B 1 -13.38 -30.33 -16.30
C GLN B 1 -13.81 -28.91 -15.96
N GLN B 2 -14.68 -28.75 -14.97
CA GLN B 2 -15.26 -27.45 -14.66
C GLN B 2 -14.61 -26.79 -13.45
N TYR B 3 -13.42 -27.26 -13.06
CA TYR B 3 -12.68 -26.61 -12.00
C TYR B 3 -11.20 -26.92 -12.22
N VAL B 4 -10.35 -26.24 -11.45
CA VAL B 4 -8.92 -26.52 -11.47
C VAL B 4 -8.43 -26.69 -10.05
N ASN B 5 -7.37 -27.46 -9.89
CA ASN B 5 -6.75 -27.60 -8.58
C ASN B 5 -5.90 -26.37 -8.25
N ILE B 6 -5.87 -26.02 -6.97
CA ILE B 6 -5.03 -24.94 -6.46
C ILE B 6 -3.84 -25.57 -5.74
N ASN B 7 -2.65 -25.37 -6.28
CA ASN B 7 -1.41 -25.90 -5.70
C ASN B 7 -0.41 -24.78 -5.44
N PRO B 8 0.21 -24.72 -4.26
CA PRO B 8 -0.10 -25.49 -3.06
C PRO B 8 -1.48 -25.08 -2.56
N PRO B 9 -2.12 -25.94 -1.79
CA PRO B 9 -3.44 -25.58 -1.26
C PRO B 9 -3.31 -24.46 -0.26
N MET B 10 -4.41 -23.78 -0.03
CA MET B 10 -4.48 -22.59 0.82
C MET B 10 -4.97 -22.95 2.21
N PRO B 11 -4.30 -22.50 3.27
CA PRO B 11 -4.81 -22.77 4.62
C PRO B 11 -6.11 -22.03 4.87
N SER B 12 -7.01 -22.68 5.59
CA SER B 12 -8.27 -22.05 5.94
C SER B 12 -8.05 -20.92 6.95
N ASP B 13 -8.73 -19.79 6.74
CA ASP B 13 -8.77 -18.74 7.73
C ASP B 13 -9.82 -19.01 8.80
N THR B 14 -10.53 -20.13 8.70
CA THR B 14 -11.59 -20.48 9.65
C THR B 14 -11.44 -21.96 10.00
N PRO B 15 -10.53 -22.29 10.91
CA PRO B 15 -10.28 -23.71 11.22
C PRO B 15 -11.55 -24.41 11.63
N GLY B 16 -11.74 -25.62 11.11
CA GLY B 16 -12.94 -26.37 11.39
C GLY B 16 -14.08 -26.13 10.44
N LYS B 17 -13.94 -25.16 9.52
CA LYS B 17 -14.93 -24.94 8.47
C LYS B 17 -14.28 -25.10 7.11
N ILE B 18 -15.07 -25.61 6.16
CA ILE B 18 -14.72 -25.61 4.75
C ILE B 18 -15.01 -24.20 4.22
N GLU B 19 -13.97 -23.49 3.81
CA GLU B 19 -14.15 -22.13 3.30
C GLU B 19 -14.50 -22.13 1.82
N VAL B 20 -15.54 -21.39 1.45
CA VAL B 20 -15.81 -21.03 0.07
C VAL B 20 -15.50 -19.55 -0.06
N LEU B 21 -14.47 -19.21 -0.83
CA LEU B 21 -14.07 -17.82 -1.05
C LEU B 21 -14.67 -17.38 -2.37
N GLU B 22 -15.51 -16.35 -2.34
CA GLU B 22 -15.99 -15.72 -3.57
C GLU B 22 -15.15 -14.49 -3.80
N PHE B 23 -14.27 -14.55 -4.80
CA PHE B 23 -13.50 -13.39 -5.19
C PHE B 23 -14.36 -12.48 -6.08
N PHE B 24 -14.42 -11.20 -5.72
CA PHE B 24 -15.31 -10.28 -6.40
C PHE B 24 -14.64 -8.91 -6.47
N ALA B 25 -15.21 -8.04 -7.29
CA ALA B 25 -14.94 -6.62 -7.24
C ALA B 25 -16.26 -5.88 -7.35
N TYR B 26 -16.39 -4.80 -6.58
CA TYR B 26 -17.63 -4.03 -6.60
C TYR B 26 -17.91 -3.46 -7.98
N THR B 27 -16.87 -3.16 -8.76
CA THR B 27 -17.05 -2.60 -10.10
C THR B 27 -17.27 -3.65 -11.18
N CYS B 28 -17.33 -4.94 -10.82
CA CYS B 28 -17.51 -6.00 -11.79
C CYS B 28 -18.99 -6.27 -12.03
N PRO B 29 -19.50 -6.09 -13.24
CA PRO B 29 -20.94 -6.29 -13.46
C PRO B 29 -21.41 -7.72 -13.24
N HIS B 30 -20.57 -8.72 -13.54
CA HIS B 30 -20.98 -10.09 -13.27
C HIS B 30 -21.01 -10.38 -11.77
N CYS B 31 -20.10 -9.78 -11.00
CA CYS B 31 -20.20 -9.90 -9.54
C CYS B 31 -21.49 -9.28 -9.03
N ALA B 32 -21.88 -8.11 -9.56
CA ALA B 32 -23.18 -7.53 -9.19
C ALA B 32 -24.32 -8.47 -9.56
N ALA B 33 -24.26 -9.08 -10.74
CA ALA B 33 -25.36 -9.91 -11.20
C ALA B 33 -25.50 -11.18 -10.35
N ILE B 34 -24.37 -11.77 -9.96
CA ILE B 34 -24.42 -13.03 -9.23
C ILE B 34 -24.64 -12.81 -7.74
N GLU B 35 -24.43 -11.59 -7.23
CA GLU B 35 -24.52 -11.35 -5.79
C GLU B 35 -25.80 -11.87 -5.15
N PRO B 36 -27.01 -11.57 -5.65
CA PRO B 36 -28.21 -12.15 -5.01
C PRO B 36 -28.25 -13.66 -5.03
N MET B 37 -27.69 -14.29 -6.08
N MET B 37 -27.70 -14.29 -6.08
CA MET B 37 -27.67 -15.75 -6.14
CA MET B 37 -27.67 -15.76 -6.15
C MET B 37 -26.72 -16.34 -5.10
C MET B 37 -26.73 -16.31 -5.09
N VAL B 38 -25.59 -15.66 -4.87
CA VAL B 38 -24.65 -16.11 -3.85
C VAL B 38 -25.27 -15.94 -2.47
N GLU B 39 -25.96 -14.82 -2.24
CA GLU B 39 -26.59 -14.60 -0.95
C GLU B 39 -27.68 -15.65 -0.69
N ASP B 40 -28.45 -16.01 -1.74
CA ASP B 40 -29.44 -17.07 -1.60
C ASP B 40 -28.77 -18.41 -1.29
N TRP B 41 -27.73 -18.75 -2.06
CA TRP B 41 -26.99 -19.99 -1.82
C TRP B 41 -26.46 -20.07 -0.39
N ALA B 42 -25.97 -18.96 0.14
CA ALA B 42 -25.38 -18.99 1.48
C ALA B 42 -26.41 -19.33 2.55
N LYS B 43 -27.68 -19.01 2.30
CA LYS B 43 -28.72 -19.27 3.30
C LYS B 43 -28.92 -20.76 3.52
N THR B 44 -28.64 -21.59 2.52
CA THR B 44 -28.85 -23.03 2.67
C THR B 44 -27.55 -23.82 2.68
N ALA B 45 -26.39 -23.15 2.75
CA ALA B 45 -25.12 -23.85 2.67
C ALA B 45 -24.91 -24.75 3.90
N PRO B 46 -24.07 -25.78 3.77
CA PRO B 46 -23.85 -26.69 4.90
C PRO B 46 -23.29 -25.98 6.12
N GLN B 47 -23.69 -26.46 7.30
CA GLN B 47 -23.29 -25.85 8.56
C GLN B 47 -21.78 -25.86 8.78
N ASP B 48 -21.06 -26.77 8.13
CA ASP B 48 -19.61 -26.81 8.28
C ASP B 48 -18.90 -26.04 7.18
N VAL B 49 -19.63 -25.24 6.42
CA VAL B 49 -19.09 -24.39 5.36
C VAL B 49 -19.26 -22.93 5.77
N VAL B 50 -18.27 -22.10 5.46
CA VAL B 50 -18.42 -20.65 5.64
C VAL B 50 -18.12 -19.99 4.30
N LEU B 51 -18.97 -19.04 3.92
CA LEU B 51 -18.74 -18.19 2.76
C LEU B 51 -17.97 -16.96 3.20
N LYS B 52 -16.87 -16.68 2.49
CA LYS B 52 -16.14 -15.43 2.66
C LYS B 52 -16.11 -14.76 1.31
N GLN B 53 -16.54 -13.51 1.27
CA GLN B 53 -16.46 -12.73 0.05
C GLN B 53 -15.21 -11.87 0.11
N VAL B 54 -14.36 -11.98 -0.91
CA VAL B 54 -13.01 -11.44 -0.88
C VAL B 54 -12.86 -10.42 -2.00
N PRO B 55 -12.72 -9.14 -1.70
CA PRO B 55 -12.57 -8.13 -2.76
C PRO B 55 -11.16 -8.14 -3.33
N ILE B 56 -11.04 -7.99 -4.65
CA ILE B 56 -9.74 -8.08 -5.30
C ILE B 56 -9.39 -6.74 -5.96
N ALA B 57 -8.14 -6.63 -6.40
CA ALA B 57 -7.67 -5.43 -7.06
C ALA B 57 -6.78 -5.81 -8.23
N PHE B 58 -7.18 -5.40 -9.44
CA PHE B 58 -6.32 -5.58 -10.60
C PHE B 58 -5.34 -4.44 -10.79
N ASN B 59 -5.55 -3.33 -10.09
CA ASN B 59 -4.70 -2.15 -10.16
C ASN B 59 -4.91 -1.39 -8.86
N ALA B 60 -4.00 -0.47 -8.57
CA ALA B 60 -4.07 0.24 -7.29
C ALA B 60 -5.34 1.05 -7.14
N GLY B 61 -5.97 1.46 -8.24
CA GLY B 61 -7.22 2.20 -8.17
C GLY B 61 -8.36 1.40 -7.60
N MET B 62 -8.23 0.07 -7.56
CA MET B 62 -9.28 -0.77 -7.01
C MET B 62 -9.11 -1.01 -5.52
N LYS B 63 -8.00 -0.57 -4.94
CA LYS B 63 -7.77 -0.83 -3.52
C LYS B 63 -8.79 -0.14 -2.62
N PRO B 64 -9.19 1.12 -2.86
CA PRO B 64 -10.21 1.72 -1.98
C PRO B 64 -11.51 0.93 -1.94
N LEU B 65 -11.91 0.27 -3.02
CA LEU B 65 -13.12 -0.53 -2.96
C LEU B 65 -12.91 -1.85 -2.20
N GLN B 66 -11.67 -2.33 -2.09
CA GLN B 66 -11.40 -3.39 -1.12
C GLN B 66 -11.57 -2.87 0.30
N GLN B 67 -11.04 -1.68 0.58
CA GLN B 67 -11.17 -1.10 1.90
C GLN B 67 -12.63 -0.89 2.24
N LEU B 68 -13.44 -0.49 1.27
CA LEU B 68 -14.86 -0.29 1.54
C LEU B 68 -15.50 -1.57 2.04
N TYR B 69 -15.21 -2.71 1.37
CA TYR B 69 -15.82 -3.95 1.78
C TYR B 69 -15.52 -4.24 3.25
N TYR B 70 -14.24 -4.18 3.62
CA TYR B 70 -13.91 -4.57 4.99
C TYR B 70 -14.37 -3.53 5.99
N THR B 71 -14.51 -2.27 5.57
CA THR B 71 -14.99 -1.23 6.48
C THR B 71 -16.46 -1.43 6.81
N LEU B 72 -17.29 -1.71 5.81
CA LEU B 72 -18.70 -1.95 6.08
C LEU B 72 -18.90 -3.20 6.94
N GLN B 73 -18.10 -4.24 6.70
CA GLN B 73 -18.20 -5.43 7.55
C GLN B 73 -17.79 -5.13 8.99
N ALA B 74 -16.70 -4.37 9.16
CA ALA B 74 -16.21 -4.07 10.51
C ALA B 74 -17.20 -3.18 11.27
N LEU B 75 -17.94 -2.34 10.56
CA LEU B 75 -18.96 -1.50 11.17
C LEU B 75 -20.27 -2.22 11.39
N GLU B 76 -20.29 -3.55 11.18
CA GLU B 76 -21.46 -4.37 11.40
C GLU B 76 -22.63 -3.95 10.50
N ARG B 77 -22.32 -3.58 9.26
CA ARG B 77 -23.35 -3.26 8.27
C ARG B 77 -23.26 -4.19 7.06
N PRO B 78 -23.43 -5.50 7.26
CA PRO B 78 -23.44 -6.39 6.09
C PRO B 78 -24.62 -6.12 5.17
N ASP B 79 -25.66 -5.44 5.66
CA ASP B 79 -26.79 -5.07 4.82
C ASP B 79 -26.38 -4.12 3.71
N LEU B 80 -25.30 -3.37 3.91
CA LEU B 80 -24.86 -2.39 2.93
C LEU B 80 -24.04 -3.00 1.80
N HIS B 81 -23.50 -4.20 2.00
CA HIS B 81 -22.68 -4.82 0.97
C HIS B 81 -23.42 -4.98 -0.35
N PRO B 82 -24.62 -5.60 -0.40
CA PRO B 82 -25.32 -5.66 -1.70
C PRO B 82 -25.69 -4.30 -2.23
N LYS B 83 -25.88 -3.33 -1.34
CA LYS B 83 -26.26 -1.99 -1.80
C LYS B 83 -25.12 -1.27 -2.46
N VAL B 84 -23.86 -1.63 -2.18
CA VAL B 84 -22.76 -1.02 -2.95
C VAL B 84 -22.90 -1.39 -4.42
N PHE B 85 -23.15 -2.66 -4.70
CA PHE B 85 -23.31 -3.11 -6.08
C PHE B 85 -24.42 -2.32 -6.76
N THR B 86 -25.55 -2.18 -6.09
CA THR B 86 -26.68 -1.46 -6.67
C THR B 86 -26.34 0.01 -6.91
N ALA B 87 -25.67 0.64 -5.95
CA ALA B 87 -25.28 2.03 -6.11
C ALA B 87 -24.39 2.23 -7.33
N ILE B 88 -23.44 1.33 -7.56
CA ILE B 88 -22.51 1.51 -8.66
C ILE B 88 -23.17 1.17 -10.00
N HIS B 89 -23.82 0.01 -10.08
CA HIS B 89 -24.25 -0.53 -11.37
C HIS B 89 -25.64 -0.08 -11.79
N THR B 90 -26.53 0.18 -10.84
CA THR B 90 -27.88 0.65 -11.16
C THR B 90 -28.01 2.16 -11.01
N GLU B 91 -27.44 2.73 -9.97
CA GLU B 91 -27.54 4.16 -9.73
C GLU B 91 -26.38 4.96 -10.32
N ARG B 92 -25.34 4.29 -10.83
CA ARG B 92 -24.19 4.95 -11.45
C ARG B 92 -23.53 5.95 -10.50
N LYS B 93 -23.50 5.63 -9.21
CA LYS B 93 -22.80 6.46 -8.24
C LYS B 93 -21.30 6.23 -8.34
N ARG B 94 -20.54 7.32 -8.23
CA ARG B 94 -19.09 7.24 -8.42
C ARG B 94 -18.40 7.03 -7.08
N LEU B 95 -18.52 5.80 -6.58
CA LEU B 95 -18.05 5.45 -5.23
C LEU B 95 -16.64 4.87 -5.30
N PHE B 96 -15.70 5.70 -5.71
CA PHE B 96 -14.39 5.18 -6.04
C PHE B 96 -13.26 5.71 -5.16
N ASP B 97 -13.51 6.71 -4.31
CA ASP B 97 -12.52 7.15 -3.35
C ASP B 97 -13.17 7.31 -1.97
N LYS B 98 -12.31 7.47 -0.95
CA LYS B 98 -12.78 7.41 0.43
C LYS B 98 -13.85 8.46 0.73
N LYS B 99 -13.68 9.68 0.22
CA LYS B 99 -14.64 10.74 0.50
C LYS B 99 -16.02 10.39 -0.05
N ALA B 100 -16.08 9.94 -1.31
CA ALA B 100 -17.38 9.59 -1.87
C ALA B 100 -17.98 8.40 -1.16
N MET B 101 -17.15 7.44 -0.76
CA MET B 101 -17.66 6.27 -0.05
C MET B 101 -18.22 6.65 1.32
N GLY B 102 -17.52 7.52 2.04
CA GLY B 102 -18.00 7.96 3.35
C GLY B 102 -19.27 8.78 3.26
N GLU B 103 -19.36 9.65 2.26
CA GLU B 103 -20.62 10.38 2.06
C GLU B 103 -21.77 9.40 1.79
N TRP B 104 -21.54 8.40 0.94
CA TRP B 104 -22.58 7.43 0.66
C TRP B 104 -22.95 6.64 1.91
N ALA B 105 -21.95 6.22 2.68
CA ALA B 105 -22.24 5.44 3.88
C ALA B 105 -23.03 6.28 4.88
N ALA B 106 -22.71 7.57 4.96
CA ALA B 106 -23.44 8.46 5.87
C ALA B 106 -24.90 8.61 5.47
N SER B 107 -25.19 8.59 4.17
CA SER B 107 -26.58 8.58 3.70
C SER B 107 -27.31 7.32 4.11
N GLN B 108 -26.58 6.25 4.44
CA GLN B 108 -27.15 5.00 4.92
C GLN B 108 -27.11 4.90 6.44
N GLY B 109 -26.77 5.97 7.13
CA GLY B 109 -26.79 6.01 8.58
C GLY B 109 -25.47 5.75 9.27
N VAL B 110 -24.39 5.53 8.53
CA VAL B 110 -23.08 5.26 9.14
C VAL B 110 -22.47 6.57 9.63
N ASP B 111 -22.04 6.58 10.89
CA ASP B 111 -21.33 7.74 11.43
C ASP B 111 -20.06 8.00 10.63
N ARG B 112 -19.89 9.25 10.18
CA ARG B 112 -18.79 9.58 9.29
CA ARG B 112 -18.78 9.61 9.29
C ARG B 112 -17.43 9.42 9.97
N ALA B 113 -17.30 9.91 11.22
CA ALA B 113 -16.02 9.77 11.90
C ALA B 113 -15.65 8.31 12.10
N LYS B 114 -16.62 7.48 12.46
CA LYS B 114 -16.36 6.05 12.62
C LYS B 114 -15.95 5.42 11.29
N PHE B 115 -16.67 5.74 10.20
CA PHE B 115 -16.30 5.23 8.89
C PHE B 115 -14.87 5.61 8.54
N ASP B 116 -14.53 6.90 8.70
CA ASP B 116 -13.21 7.39 8.31
C ASP B 116 -12.12 6.69 9.09
N SER B 117 -12.33 6.48 10.40
CA SER B 117 -11.32 5.82 11.23
C SER B 117 -11.13 4.36 10.84
N VAL B 118 -12.24 3.63 10.68
CA VAL B 118 -12.16 2.20 10.34
C VAL B 118 -11.52 2.03 8.97
N PHE B 119 -11.87 2.89 8.02
CA PHE B 119 -11.37 2.78 6.66
C PHE B 119 -9.84 2.83 6.62
N ASP B 120 -9.24 3.65 7.47
CA ASP B 120 -7.81 3.88 7.56
C ASP B 120 -7.10 2.96 8.55
N SER B 121 -7.83 2.08 9.22
CA SER B 121 -7.29 1.32 10.33
C SER B 121 -6.29 0.27 9.87
N PHE B 122 -5.37 -0.07 10.79
CA PHE B 122 -4.41 -1.12 10.51
C PHE B 122 -5.10 -2.45 10.24
N SER B 123 -6.19 -2.74 10.95
CA SER B 123 -6.91 -3.97 10.72
C SER B 123 -7.43 -4.04 9.29
N VAL B 124 -8.05 -2.96 8.81
CA VAL B 124 -8.57 -2.97 7.45
C VAL B 124 -7.42 -3.01 6.45
N GLN B 125 -6.34 -2.27 6.71
N GLN B 125 -6.34 -2.26 6.70
CA GLN B 125 -5.18 -2.29 5.82
CA GLN B 125 -5.18 -2.30 5.80
C GLN B 125 -4.65 -3.70 5.64
C GLN B 125 -4.68 -3.73 5.63
N THR B 126 -4.57 -4.46 6.74
CA THR B 126 -4.05 -5.81 6.69
C THR B 126 -5.04 -6.76 6.03
N GLN B 127 -6.35 -6.57 6.30
CA GLN B 127 -7.36 -7.38 5.61
C GLN B 127 -7.28 -7.22 4.11
N VAL B 128 -7.04 -5.99 3.64
CA VAL B 128 -6.95 -5.75 2.21
C VAL B 128 -5.70 -6.41 1.63
N GLN B 129 -4.57 -6.27 2.32
N GLN B 129 -4.56 -6.26 2.32
CA GLN B 129 -3.36 -6.96 1.90
CA GLN B 129 -3.36 -6.97 1.90
C GLN B 129 -3.59 -8.46 1.85
C GLN B 129 -3.61 -8.47 1.83
N HIS B 130 -4.29 -9.02 2.84
CA HIS B 130 -4.54 -10.45 2.88
C HIS B 130 -5.47 -10.88 1.75
N ALA B 131 -6.44 -10.04 1.41
CA ALA B 131 -7.36 -10.38 0.32
C ALA B 131 -6.60 -10.51 -0.98
N SER B 132 -5.70 -9.56 -1.26
CA SER B 132 -4.89 -9.65 -2.47
C SER B 132 -3.97 -10.86 -2.43
N GLN B 133 -3.45 -11.21 -1.25
CA GLN B 133 -2.66 -12.43 -1.12
C GLN B 133 -3.48 -13.67 -1.40
N LEU B 134 -4.74 -13.70 -0.93
CA LEU B 134 -5.59 -14.85 -1.19
C LEU B 134 -5.89 -15.00 -2.67
N ALA B 135 -6.15 -13.89 -3.35
CA ALA B 135 -6.49 -13.95 -4.76
C ALA B 135 -5.30 -14.43 -5.58
N GLU B 136 -4.10 -13.99 -5.21
CA GLU B 136 -2.90 -14.45 -5.89
C GLU B 136 -2.68 -15.94 -5.66
N ALA B 137 -2.89 -16.41 -4.41
CA ALA B 137 -2.67 -17.81 -4.10
C ALA B 137 -3.70 -18.72 -4.77
N ALA B 138 -4.92 -18.21 -5.02
CA ALA B 138 -5.96 -19.00 -5.67
C ALA B 138 -5.87 -18.95 -7.19
N HIS B 139 -4.88 -18.23 -7.72
CA HIS B 139 -4.58 -18.18 -9.16
C HIS B 139 -5.75 -17.63 -9.96
N ILE B 140 -6.40 -16.61 -9.40
CA ILE B 140 -7.53 -15.95 -10.03
C ILE B 140 -7.08 -15.15 -11.24
N ASP B 141 -7.85 -15.21 -12.33
CA ASP B 141 -7.62 -14.29 -13.44
C ASP B 141 -8.82 -13.41 -13.76
N GLY B 142 -9.96 -13.63 -13.11
CA GLY B 142 -11.16 -12.86 -13.34
C GLY B 142 -12.12 -13.08 -12.21
N THR B 143 -13.14 -12.23 -12.15
CA THR B 143 -14.18 -12.35 -11.16
C THR B 143 -15.53 -12.40 -11.84
N PRO B 144 -16.54 -12.99 -11.20
CA PRO B 144 -16.46 -13.70 -9.90
C PRO B 144 -15.78 -15.03 -10.07
N ALA B 145 -15.10 -15.50 -9.02
CA ALA B 145 -14.50 -16.83 -8.99
C ALA B 145 -14.64 -17.37 -7.57
N PHE B 146 -14.56 -18.69 -7.42
CA PHE B 146 -14.77 -19.36 -6.15
C PHE B 146 -13.62 -20.30 -5.87
N ALA B 147 -13.00 -20.14 -4.70
CA ALA B 147 -12.11 -21.17 -4.18
C ALA B 147 -12.85 -21.99 -3.14
N VAL B 148 -12.66 -23.31 -3.16
CA VAL B 148 -13.35 -24.21 -2.25
C VAL B 148 -12.32 -25.06 -1.51
N GLY B 149 -12.38 -25.02 -0.18
CA GLY B 149 -11.51 -25.85 0.64
C GLY B 149 -10.06 -25.52 0.49
N GLY B 150 -9.75 -24.33 -0.03
CA GLY B 150 -8.40 -23.92 -0.34
C GLY B 150 -7.72 -24.72 -1.41
N ARG B 151 -8.44 -25.58 -2.13
CA ARG B 151 -7.76 -26.52 -3.01
C ARG B 151 -8.39 -26.64 -4.39
N TYR B 152 -9.56 -26.06 -4.64
CA TYR B 152 -10.22 -26.11 -5.93
C TYR B 152 -10.69 -24.71 -6.30
N MET B 153 -10.65 -24.40 -7.59
N MET B 153 -10.72 -24.44 -7.61
CA MET B 153 -11.13 -23.12 -8.09
CA MET B 153 -11.11 -23.15 -8.14
C MET B 153 -12.12 -23.37 -9.21
C MET B 153 -12.11 -23.36 -9.26
N THR B 154 -13.28 -22.71 -9.17
CA THR B 154 -14.25 -22.75 -10.24
C THR B 154 -14.78 -21.33 -10.45
N SER B 155 -15.52 -21.14 -11.53
CA SER B 155 -16.05 -19.83 -11.87
C SER B 155 -17.21 -20.03 -12.83
N PRO B 156 -18.06 -19.01 -13.02
CA PRO B 156 -19.09 -19.17 -14.06
C PRO B 156 -18.51 -19.47 -15.42
N VAL B 157 -17.37 -18.88 -15.77
CA VAL B 157 -16.72 -19.19 -17.04
C VAL B 157 -16.37 -20.67 -17.12
N LEU B 158 -15.70 -21.19 -16.08
CA LEU B 158 -15.32 -22.61 -16.10
C LEU B 158 -16.52 -23.53 -16.12
N ALA B 159 -17.68 -23.08 -15.64
CA ALA B 159 -18.89 -23.89 -15.61
C ALA B 159 -19.80 -23.60 -16.79
N GLY B 160 -19.24 -23.22 -17.93
CA GLY B 160 -20.02 -23.00 -19.13
C GLY B 160 -20.67 -21.65 -19.26
N ASN B 161 -20.10 -20.62 -18.61
CA ASN B 161 -20.68 -19.27 -18.56
C ASN B 161 -22.09 -19.32 -17.98
N ASP B 162 -22.17 -19.86 -16.75
CA ASP B 162 -23.43 -20.18 -16.09
C ASP B 162 -23.26 -19.90 -14.60
N TYR B 163 -24.03 -18.94 -14.06
CA TYR B 163 -23.92 -18.63 -12.63
C TYR B 163 -24.38 -19.79 -11.76
N ALA B 164 -25.60 -20.29 -12.00
CA ALA B 164 -26.08 -21.40 -11.20
C ALA B 164 -25.20 -22.63 -11.36
N GLY B 165 -24.65 -22.84 -12.57
CA GLY B 165 -23.78 -23.98 -12.78
C GLY B 165 -22.52 -23.90 -11.93
N ALA B 166 -21.97 -22.69 -11.78
CA ALA B 166 -20.79 -22.49 -10.92
C ALA B 166 -21.11 -22.87 -9.49
N LEU B 167 -22.28 -22.46 -9.00
CA LEU B 167 -22.62 -22.78 -7.62
C LEU B 167 -22.90 -24.27 -7.43
N LYS B 168 -23.43 -24.94 -8.47
CA LYS B 168 -23.55 -26.40 -8.42
C LYS B 168 -22.18 -27.06 -8.34
N VAL B 169 -21.19 -26.53 -9.08
CA VAL B 169 -19.84 -27.07 -8.97
C VAL B 169 -19.29 -26.83 -7.57
N VAL B 170 -19.55 -25.65 -7.00
CA VAL B 170 -19.13 -25.38 -5.63
C VAL B 170 -19.68 -26.43 -4.69
N ASP B 171 -20.97 -26.75 -4.81
CA ASP B 171 -21.56 -27.80 -3.97
C ASP B 171 -20.82 -29.12 -4.13
N GLN B 172 -20.47 -29.47 -5.37
CA GLN B 172 -19.77 -30.73 -5.58
C GLN B 172 -18.37 -30.69 -4.98
N LEU B 173 -17.70 -29.55 -5.09
CA LEU B 173 -16.34 -29.41 -4.56
C LEU B 173 -16.32 -29.45 -3.04
N ILE B 174 -17.37 -28.93 -2.39
CA ILE B 174 -17.49 -29.05 -0.94
C ILE B 174 -17.51 -30.51 -0.53
N VAL B 175 -18.27 -31.32 -1.26
CA VAL B 175 -18.34 -32.75 -0.97
C VAL B 175 -16.98 -33.40 -1.17
N GLN B 176 -16.30 -33.06 -2.27
CA GLN B 176 -14.95 -33.57 -2.52
C GLN B 176 -13.99 -33.14 -1.42
N SER B 177 -14.15 -31.93 -0.88
CA SER B 177 -13.21 -31.42 0.12
C SER B 177 -13.34 -32.16 1.44
N ARG B 178 -14.52 -32.72 1.71
CA ARG B 178 -14.76 -33.40 2.97
C ARG B 178 -14.13 -34.78 3.00
N LYS B 179 -14.03 -35.46 1.86
CA LYS B 179 -13.42 -36.78 1.78
C LYS B 179 -11.97 -36.76 2.25
#